data_9LQK
#
_entry.id   9LQK
#
_cell.length_a   57.556
_cell.length_b   62.548
_cell.length_c   89.757
_cell.angle_alpha   90.000
_cell.angle_beta   90.000
_cell.angle_gamma   90.000
#
_symmetry.space_group_name_H-M   'I 2 2 2'
#
loop_
_entity.id
_entity.type
_entity.pdbx_description
1 polymer 'ubiquitin variant R10'
2 non-polymer GLYCEROL
3 water water
#
_entity_poly.entity_id   1
_entity_poly.type   'polypeptide(L)'
_entity_poly.pdbx_seq_one_letter_code
;MGSSHHHHHHGSSGENLYFQGSGGSMKIYVKLQDGTVIELEVEPSDTILEVKEKIYEKTGIPPEDQILIYKGKVLEDSKT
LADYNIQENDVLYLVRRLKSPSR
;
_entity_poly.pdbx_strand_id   A,B
#
# COMPACT_ATOMS: atom_id res chain seq x y z
N GLY A 23 -12.89 -5.20 0.64
CA GLY A 23 -13.15 -3.78 0.58
C GLY A 23 -13.13 -3.27 -0.84
N GLY A 24 -13.66 -4.09 -1.74
CA GLY A 24 -13.54 -3.84 -3.15
C GLY A 24 -12.25 -4.35 -3.75
N SER A 25 -11.70 -5.44 -3.24
CA SER A 25 -10.45 -5.96 -3.78
C SER A 25 -10.63 -6.34 -5.25
N MET A 26 -9.63 -6.02 -6.06
CA MET A 26 -9.72 -6.23 -7.48
C MET A 26 -8.31 -6.40 -8.05
N LYS A 27 -8.25 -6.95 -9.27
CA LYS A 27 -7.00 -7.10 -9.99
C LYS A 27 -6.89 -5.97 -11.02
N ILE A 28 -5.73 -5.33 -11.10
CA ILE A 28 -5.41 -4.47 -12.23
C ILE A 28 -4.09 -4.95 -12.83
N TYR A 29 -3.80 -4.46 -14.03
CA TYR A 29 -2.64 -4.90 -14.78
C TYR A 29 -1.80 -3.69 -15.15
N VAL A 30 -0.48 -3.86 -15.11
CA VAL A 30 0.47 -2.80 -15.47
C VAL A 30 1.38 -3.33 -16.57
N LYS A 31 1.39 -2.66 -17.72
CA LYS A 31 2.23 -3.05 -18.84
C LYS A 31 3.53 -2.27 -18.77
N LEU A 32 4.65 -3.00 -18.86
CA LEU A 32 5.98 -2.43 -18.84
C LEU A 32 6.43 -2.10 -20.27
N GLN A 33 7.53 -1.33 -20.37
CA GLN A 33 8.03 -0.94 -21.69
C GLN A 33 8.50 -2.15 -22.48
N ASP A 34 9.04 -3.17 -21.80
CA ASP A 34 9.50 -4.37 -22.49
C ASP A 34 8.37 -5.26 -22.98
N GLY A 35 7.11 -4.89 -22.73
CA GLY A 35 5.96 -5.62 -23.21
C GLY A 35 5.30 -6.54 -22.19
N THR A 36 6.00 -6.89 -21.11
CA THR A 36 5.41 -7.78 -20.14
C THR A 36 4.36 -7.05 -19.31
N VAL A 37 3.44 -7.81 -18.76
CA VAL A 37 2.32 -7.26 -18.00
C VAL A 37 2.34 -7.92 -16.62
N ILE A 38 2.30 -7.09 -15.58
CA ILE A 38 2.23 -7.59 -14.21
C ILE A 38 0.83 -7.35 -13.66
N GLU A 39 0.43 -8.21 -12.75
CA GLU A 39 -0.89 -8.15 -12.15
C GLU A 39 -0.76 -7.72 -10.69
N LEU A 40 -1.61 -6.79 -10.27
CA LEU A 40 -1.61 -6.27 -8.91
C LEU A 40 -2.97 -6.49 -8.25
N GLU A 41 -2.93 -6.84 -6.97
CA GLU A 41 -4.12 -6.83 -6.13
C GLU A 41 -4.24 -5.48 -5.44
N VAL A 42 -5.36 -4.80 -5.66
CA VAL A 42 -5.57 -3.43 -5.21
C VAL A 42 -6.99 -3.30 -4.69
N GLU A 43 -7.33 -2.12 -4.18
CA GLU A 43 -8.69 -1.77 -3.82
C GLU A 43 -8.89 -0.29 -4.17
N PRO A 44 -10.14 0.14 -4.40
CA PRO A 44 -10.36 1.48 -4.99
C PRO A 44 -9.83 2.64 -4.17
N SER A 45 -9.66 2.50 -2.85
CA SER A 45 -9.16 3.61 -2.05
C SER A 45 -7.63 3.70 -2.05
N ASP A 46 -6.94 2.76 -2.68
CA ASP A 46 -5.49 2.86 -2.85
C ASP A 46 -5.13 4.13 -3.61
N THR A 47 -4.12 4.84 -3.11
CA THR A 47 -3.59 5.96 -3.87
C THR A 47 -2.63 5.46 -4.95
N ILE A 48 -2.34 6.34 -5.91
CA ILE A 48 -1.39 5.99 -6.96
C ILE A 48 -0.01 5.72 -6.39
N LEU A 49 0.39 6.49 -5.38
CA LEU A 49 1.66 6.20 -4.71
C LEU A 49 1.67 4.79 -4.15
N GLU A 50 0.56 4.37 -3.54
CA GLU A 50 0.48 3.02 -2.99
C GLU A 50 0.54 1.98 -4.10
N VAL A 51 -0.03 2.27 -5.26
CA VAL A 51 0.11 1.37 -6.41
C VAL A 51 1.58 1.27 -6.82
N LYS A 52 2.30 2.40 -6.84
CA LYS A 52 3.72 2.37 -7.15
C LYS A 52 4.49 1.55 -6.11
N GLU A 53 4.07 1.63 -4.84
CA GLU A 53 4.71 0.80 -3.82
C GLU A 53 4.48 -0.69 -4.07
N LYS A 54 3.28 -1.06 -4.54
CA LYS A 54 3.02 -2.47 -4.89
C LYS A 54 3.88 -2.90 -6.08
N ILE A 55 4.02 -2.02 -7.06
CA ILE A 55 4.92 -2.30 -8.18
C ILE A 55 6.35 -2.46 -7.70
N TYR A 56 6.81 -1.57 -6.80
CA TYR A 56 8.16 -1.69 -6.24
C TYR A 56 8.34 -3.05 -5.59
N GLU A 57 7.35 -3.49 -4.81
CA GLU A 57 7.46 -4.79 -4.16
C GLU A 57 7.62 -5.92 -5.17
N LYS A 58 7.02 -5.79 -6.36
CA LYS A 58 7.17 -6.85 -7.35
C LYS A 58 8.39 -6.70 -8.26
N THR A 59 8.93 -5.49 -8.44
CA THR A 59 9.91 -5.25 -9.48
C THR A 59 11.21 -4.67 -8.98
N GLY A 60 11.23 -4.02 -7.81
CA GLY A 60 12.39 -3.30 -7.35
C GLY A 60 12.50 -1.89 -7.89
N ILE A 61 11.57 -1.44 -8.73
CA ILE A 61 11.64 -0.09 -9.28
C ILE A 61 11.13 0.89 -8.22
N PRO A 62 11.96 1.81 -7.74
CA PRO A 62 11.52 2.77 -6.72
C PRO A 62 10.34 3.61 -7.22
N PRO A 63 9.37 3.90 -6.35
CA PRO A 63 8.23 4.72 -6.76
C PRO A 63 8.62 6.05 -7.38
N GLU A 64 9.69 6.68 -6.89
CA GLU A 64 10.13 7.96 -7.43
C GLU A 64 10.60 7.84 -8.87
N ASP A 65 10.92 6.63 -9.32
CA ASP A 65 11.35 6.38 -10.69
C ASP A 65 10.22 5.87 -11.58
N GLN A 66 9.00 5.81 -11.07
CA GLN A 66 7.85 5.29 -11.81
C GLN A 66 6.94 6.41 -12.28
N ILE A 67 6.60 6.39 -13.56
CA ILE A 67 5.52 7.21 -14.11
C ILE A 67 4.43 6.25 -14.56
N LEU A 68 3.22 6.42 -14.02
CA LEU A 68 2.08 5.59 -14.39
C LEU A 68 1.11 6.37 -15.28
N ILE A 69 0.65 5.71 -16.34
CA ILE A 69 -0.22 6.31 -17.36
C ILE A 69 -1.51 5.50 -17.44
N TYR A 70 -2.64 6.19 -17.48
CA TYR A 70 -3.93 5.56 -17.69
C TYR A 70 -4.75 6.41 -18.65
N LYS A 71 -5.24 5.79 -19.72
CA LYS A 71 -6.00 6.48 -20.75
C LYS A 71 -5.26 7.73 -21.25
N GLY A 72 -3.97 7.55 -21.51
CA GLY A 72 -3.18 8.61 -22.11
C GLY A 72 -2.81 9.76 -21.19
N LYS A 73 -2.85 9.56 -19.88
CA LYS A 73 -2.59 10.64 -18.94
C LYS A 73 -1.71 10.13 -17.82
N VAL A 74 -0.74 10.96 -17.39
CA VAL A 74 0.08 10.62 -16.23
C VAL A 74 -0.73 10.80 -14.95
N LEU A 75 -0.65 9.80 -14.06
CA LEU A 75 -1.43 9.79 -12.83
C LEU A 75 -0.70 10.50 -11.70
N GLU A 76 -1.46 11.17 -10.84
CA GLU A 76 -0.90 11.89 -9.69
C GLU A 76 -0.88 11.00 -8.45
N ASP A 77 0.25 11.02 -7.74
CA ASP A 77 0.47 10.13 -6.60
C ASP A 77 -0.64 10.23 -5.55
N SER A 78 -1.15 11.44 -5.31
CA SER A 78 -2.05 11.62 -4.18
C SER A 78 -3.49 11.22 -4.46
N LYS A 79 -3.86 11.01 -5.73
CA LYS A 79 -5.22 10.61 -6.05
C LYS A 79 -5.38 9.10 -5.93
N THR A 80 -6.63 8.64 -5.90
CA THR A 80 -6.92 7.22 -5.73
C THR A 80 -7.34 6.58 -7.05
N LEU A 81 -7.34 5.24 -7.04
CA LEU A 81 -7.86 4.49 -8.17
C LEU A 81 -9.32 4.85 -8.43
N ALA A 82 -10.12 4.99 -7.36
CA ALA A 82 -11.51 5.37 -7.53
C ALA A 82 -11.63 6.77 -8.14
N ASP A 83 -10.72 7.68 -7.78
CA ASP A 83 -10.74 9.02 -8.37
C ASP A 83 -10.64 8.95 -9.89
N TYR A 84 -9.81 8.04 -10.41
CA TYR A 84 -9.59 7.85 -11.83
C TYR A 84 -10.51 6.83 -12.46
N ASN A 85 -11.46 6.28 -11.70
CA ASN A 85 -12.38 5.25 -12.20
C ASN A 85 -11.60 4.06 -12.76
N ILE A 86 -10.50 3.72 -12.11
CA ILE A 86 -9.74 2.54 -12.50
C ILE A 86 -10.40 1.34 -11.83
N GLN A 87 -10.79 0.35 -12.64
CA GLN A 87 -11.57 -0.77 -12.15
C GLN A 87 -10.89 -2.09 -12.52
N GLU A 88 -11.48 -3.18 -12.03
CA GLU A 88 -11.03 -4.54 -12.31
C GLU A 88 -10.65 -4.71 -13.78
N ASN A 89 -9.47 -5.29 -14.01
CA ASN A 89 -8.92 -5.67 -15.31
C ASN A 89 -8.49 -4.49 -16.18
N ASP A 90 -8.55 -3.25 -15.67
CA ASP A 90 -7.99 -2.15 -16.42
C ASP A 90 -6.47 -2.26 -16.50
N VAL A 91 -5.92 -1.67 -17.57
CA VAL A 91 -4.48 -1.72 -17.84
C VAL A 91 -3.89 -0.33 -17.68
N LEU A 92 -2.86 -0.21 -16.84
CA LEU A 92 -2.03 0.96 -16.69
C LEU A 92 -0.69 0.72 -17.39
N TYR A 93 0.00 1.81 -17.73
CA TYR A 93 1.30 1.72 -18.40
C TYR A 93 2.38 2.33 -17.51
N LEU A 94 3.50 1.62 -17.38
CA LEU A 94 4.61 2.08 -16.56
C LEU A 94 5.77 2.52 -17.43
N VAL A 95 6.24 3.73 -17.20
CA VAL A 95 7.45 4.24 -17.83
C VAL A 95 8.43 4.46 -16.69
N ARG A 96 9.60 3.85 -16.80
CA ARG A 96 10.63 3.98 -15.79
C ARG A 96 11.59 5.12 -16.09
N ARG A 97 11.89 5.90 -15.05
CA ARG A 97 12.88 6.96 -15.06
C ARG A 97 14.23 6.48 -14.54
N LEU A 98 15.31 7.01 -15.12
CA LEU A 98 16.67 6.81 -14.61
C LEU A 98 17.09 8.12 -13.94
N LYS A 99 16.92 8.19 -12.62
CA LYS A 99 17.15 9.41 -11.86
C LYS A 99 18.19 9.16 -10.77
N SER A 100 19.05 10.14 -10.56
CA SER A 100 20.03 10.05 -9.48
C SER A 100 19.32 10.00 -8.13
N PRO A 101 19.61 9.00 -7.29
CA PRO A 101 19.05 8.84 -5.94
C PRO A 101 19.42 9.98 -5.00
N GLY B 24 7.16 -17.98 9.55
CA GLY B 24 5.80 -18.47 9.49
C GLY B 24 4.77 -17.49 10.03
N SER B 25 3.50 -17.85 9.87
CA SER B 25 2.40 -16.98 10.28
C SER B 25 2.44 -16.67 11.78
N MET B 26 2.06 -15.44 12.14
CA MET B 26 2.08 -14.98 13.52
C MET B 26 0.97 -13.97 13.72
N LYS B 27 0.63 -13.77 14.99
CA LYS B 27 -0.39 -12.80 15.38
C LYS B 27 0.29 -11.52 15.85
N ILE B 28 -0.20 -10.37 15.39
CA ILE B 28 0.17 -9.09 15.98
C ILE B 28 -1.11 -8.35 16.37
N TYR B 29 -0.92 -7.28 17.15
CA TYR B 29 -2.03 -6.51 17.66
C TYR B 29 -1.85 -5.05 17.27
N VAL B 30 -2.95 -4.40 16.94
CA VAL B 30 -2.94 -2.99 16.57
C VAL B 30 -3.86 -2.27 17.54
N LYS B 31 -3.31 -1.33 18.28
CA LYS B 31 -4.07 -0.58 19.27
C LYS B 31 -4.59 0.71 18.65
N LEU B 32 -5.88 0.90 18.78
CA LEU B 32 -6.57 2.07 18.25
C LEU B 32 -6.58 3.19 19.28
N GLN B 33 -6.94 4.38 18.80
CA GLN B 33 -6.93 5.55 19.66
C GLN B 33 -7.97 5.45 20.77
N ASP B 34 -9.14 4.86 20.48
CA ASP B 34 -10.16 4.71 21.51
C ASP B 34 -9.82 3.65 22.55
N GLY B 35 -8.67 2.97 22.42
CA GLY B 35 -8.24 1.97 23.37
C GLY B 35 -8.47 0.53 22.93
N THR B 36 -9.33 0.31 21.95
CA THR B 36 -9.60 -1.04 21.49
C THR B 36 -8.42 -1.57 20.68
N VAL B 37 -8.29 -2.89 20.63
CA VAL B 37 -7.19 -3.55 19.94
C VAL B 37 -7.75 -4.55 18.93
N ILE B 38 -7.23 -4.52 17.70
CA ILE B 38 -7.58 -5.52 16.69
C ILE B 38 -6.40 -6.46 16.51
N GLU B 39 -6.70 -7.72 16.23
CA GLU B 39 -5.68 -8.76 16.08
C GLU B 39 -5.56 -9.12 14.61
N LEU B 40 -4.33 -9.22 14.12
CA LEU B 40 -4.06 -9.53 12.72
C LEU B 40 -3.19 -10.78 12.62
N GLU B 41 -3.52 -11.62 11.63
CA GLU B 41 -2.66 -12.73 11.24
C GLU B 41 -1.78 -12.22 10.09
N VAL B 42 -0.47 -12.29 10.29
CA VAL B 42 0.50 -11.72 9.36
C VAL B 42 1.67 -12.67 9.22
N GLU B 43 2.65 -12.28 8.40
CA GLU B 43 3.90 -12.99 8.29
C GLU B 43 5.01 -11.97 8.34
N PRO B 44 6.20 -12.36 8.80
CA PRO B 44 7.27 -11.37 8.98
C PRO B 44 7.66 -10.67 7.68
N SER B 45 7.47 -11.33 6.54
CA SER B 45 7.81 -10.75 5.26
C SER B 45 6.72 -9.82 4.72
N ASP B 46 5.58 -9.71 5.40
CA ASP B 46 4.55 -8.78 4.95
C ASP B 46 5.08 -7.34 5.01
N THR B 47 4.78 -6.56 3.98
CA THR B 47 5.13 -5.16 4.06
C THR B 47 4.14 -4.40 4.93
N ILE B 48 4.56 -3.20 5.33
CA ILE B 48 3.68 -2.35 6.11
C ILE B 48 2.42 -2.00 5.30
N LEU B 49 2.56 -1.72 3.99
CA LEU B 49 1.37 -1.47 3.19
C LEU B 49 0.43 -2.67 3.18
N GLU B 50 0.98 -3.89 3.09
CA GLU B 50 0.12 -5.08 3.15
C GLU B 50 -0.61 -5.18 4.49
N VAL B 51 0.06 -4.80 5.58
CA VAL B 51 -0.62 -4.74 6.87
C VAL B 51 -1.72 -3.70 6.86
N LYS B 52 -1.45 -2.54 6.27
CA LYS B 52 -2.50 -1.52 6.18
C LYS B 52 -3.68 -1.99 5.35
N GLU B 53 -3.43 -2.80 4.33
CA GLU B 53 -4.54 -3.34 3.56
C GLU B 53 -5.39 -4.26 4.42
N LYS B 54 -4.75 -5.04 5.29
CA LYS B 54 -5.52 -5.89 6.22
C LYS B 54 -6.35 -5.05 7.19
N ILE B 55 -5.75 -3.97 7.70
CA ILE B 55 -6.46 -3.07 8.58
C ILE B 55 -7.64 -2.44 7.87
N TYR B 56 -7.44 -2.02 6.61
CA TYR B 56 -8.53 -1.47 5.81
C TYR B 56 -9.67 -2.46 5.68
N GLU B 57 -9.34 -3.72 5.41
CA GLU B 57 -10.41 -4.71 5.23
C GLU B 57 -11.19 -4.91 6.53
N LYS B 58 -10.54 -4.72 7.68
CA LYS B 58 -11.24 -4.88 8.95
C LYS B 58 -11.95 -3.62 9.45
N THR B 59 -11.51 -2.43 9.03
CA THR B 59 -11.95 -1.18 9.63
C THR B 59 -12.56 -0.18 8.67
N GLY B 60 -12.26 -0.26 7.37
CA GLY B 60 -12.67 0.74 6.42
C GLY B 60 -11.76 1.94 6.30
N ILE B 61 -10.71 2.02 7.12
CA ILE B 61 -9.78 3.15 7.06
C ILE B 61 -8.85 2.94 5.87
N PRO B 62 -8.88 3.80 4.87
CA PRO B 62 -8.01 3.63 3.73
C PRO B 62 -6.55 3.66 4.17
N PRO B 63 -5.70 2.88 3.51
CA PRO B 63 -4.27 2.87 3.90
C PRO B 63 -3.65 4.25 3.99
N GLU B 64 -4.03 5.21 3.13
CA GLU B 64 -3.41 6.54 3.21
C GLU B 64 -3.80 7.31 4.47
N ASP B 65 -4.86 6.92 5.15
CA ASP B 65 -5.27 7.56 6.39
C ASP B 65 -4.73 6.85 7.62
N GLN B 66 -3.91 5.82 7.44
CA GLN B 66 -3.38 5.05 8.55
C GLN B 66 -1.97 5.53 8.83
N ILE B 67 -1.71 5.92 10.07
CA ILE B 67 -0.37 6.13 10.57
C ILE B 67 -0.11 5.00 11.55
N LEU B 68 0.85 4.14 11.23
CA LEU B 68 1.23 3.05 12.12
C LEU B 68 2.52 3.42 12.82
N ILE B 69 2.54 3.28 14.14
CA ILE B 69 3.67 3.66 14.96
C ILE B 69 4.13 2.44 15.74
N TYR B 70 5.43 2.22 15.77
CA TYR B 70 6.03 1.18 16.60
C TYR B 70 7.31 1.75 17.18
N LYS B 71 7.44 1.72 18.50
CA LYS B 71 8.63 2.22 19.20
C LYS B 71 9.00 3.64 18.75
N GLY B 72 8.01 4.53 18.71
CA GLY B 72 8.26 5.94 18.48
C GLY B 72 8.61 6.31 17.06
N LYS B 73 8.29 5.45 16.11
CA LYS B 73 8.62 5.69 14.71
C LYS B 73 7.40 5.35 13.89
N VAL B 74 7.09 6.21 12.92
CA VAL B 74 6.04 5.90 11.96
C VAL B 74 6.60 4.90 10.97
N LEU B 75 5.85 3.83 10.70
CA LEU B 75 6.37 2.75 9.87
C LEU B 75 6.21 3.08 8.39
N GLU B 76 7.19 2.67 7.59
CA GLU B 76 7.25 2.96 6.16
C GLU B 76 6.58 1.86 5.34
N ASP B 77 5.75 2.26 4.36
CA ASP B 77 4.94 1.30 3.60
C ASP B 77 5.74 0.15 3.01
N SER B 78 6.92 0.43 2.47
CA SER B 78 7.62 -0.58 1.70
C SER B 78 8.53 -1.48 2.52
N LYS B 79 8.74 -1.16 3.80
CA LYS B 79 9.51 -2.06 4.64
C LYS B 79 8.61 -3.17 5.16
N THR B 80 9.23 -4.21 5.71
CA THR B 80 8.50 -5.36 6.23
C THR B 80 8.39 -5.31 7.75
N LEU B 81 7.50 -6.13 8.28
CA LEU B 81 7.43 -6.29 9.74
C LEU B 81 8.77 -6.76 10.29
N ALA B 82 9.43 -7.68 9.58
CA ALA B 82 10.74 -8.18 10.03
C ALA B 82 11.79 -7.07 10.06
N ASP B 83 11.72 -6.13 9.12
CA ASP B 83 12.64 -4.99 9.13
C ASP B 83 12.59 -4.25 10.45
N TYR B 84 11.38 -4.10 11.01
CA TYR B 84 11.17 -3.40 12.28
C TYR B 84 11.26 -4.34 13.48
N ASN B 85 11.70 -5.58 13.27
CA ASN B 85 11.80 -6.59 14.32
C ASN B 85 10.46 -6.82 15.00
N ILE B 86 9.38 -6.72 14.25
CA ILE B 86 8.04 -6.96 14.79
C ILE B 86 7.76 -8.46 14.79
N GLN B 87 7.41 -8.99 15.97
CA GLN B 87 7.29 -10.41 16.24
C GLN B 87 5.92 -10.74 16.80
N GLU B 88 5.67 -12.04 16.98
CA GLU B 88 4.46 -12.56 17.60
C GLU B 88 4.07 -11.74 18.83
N ASN B 89 2.80 -11.33 18.88
CA ASN B 89 2.17 -10.64 20.00
C ASN B 89 2.65 -9.20 20.19
N ASP B 90 3.50 -8.67 19.30
CA ASP B 90 3.86 -7.26 19.44
C ASP B 90 2.66 -6.37 19.18
N VAL B 91 2.68 -5.18 19.80
CA VAL B 91 1.60 -4.23 19.67
C VAL B 91 2.09 -3.02 18.85
N LEU B 92 1.37 -2.73 17.78
CA LEU B 92 1.55 -1.54 16.95
C LEU B 92 0.45 -0.54 17.32
N TYR B 93 0.66 0.72 17.01
CA TYR B 93 -0.32 1.75 17.31
C TYR B 93 -0.84 2.35 16.02
N LEU B 94 -2.16 2.43 15.89
CA LEU B 94 -2.79 3.02 14.72
C LEU B 94 -3.39 4.36 15.10
N VAL B 95 -3.02 5.39 14.36
CA VAL B 95 -3.63 6.70 14.47
C VAL B 95 -4.27 7.02 13.14
N ARG B 96 -5.54 7.40 13.14
CA ARG B 96 -6.12 7.76 11.86
C ARG B 96 -5.82 9.23 11.58
N ARG B 97 -5.46 9.50 10.33
CA ARG B 97 -5.20 10.85 9.88
C ARG B 97 -6.54 11.47 9.51
N LEU B 98 -6.77 12.70 9.96
CA LEU B 98 -7.99 13.46 9.65
C LEU B 98 -7.63 14.55 8.64
N LYS B 99 -7.69 14.21 7.36
CA LYS B 99 -7.30 15.13 6.30
C LYS B 99 -8.35 15.13 5.20
N SER B 100 -8.55 16.29 4.59
CA SER B 100 -9.39 16.36 3.42
C SER B 100 -8.79 15.49 2.32
N PRO B 101 -9.55 14.61 1.69
CA PRO B 101 -9.00 13.82 0.59
C PRO B 101 -8.53 14.72 -0.55
N SER B 102 -7.48 14.29 -1.23
CA SER B 102 -6.87 15.07 -2.30
C SER B 102 -7.86 15.33 -3.44
#